data_3OCH
#
_entry.id   3OCH
#
_cell.length_a   91.714
_cell.length_b   91.714
_cell.length_c   73.130
_cell.angle_alpha   90.00
_cell.angle_beta   90.00
_cell.angle_gamma   120.00
#
_symmetry.space_group_name_H-M   'P 61'
#
loop_
_entity.id
_entity.type
_entity.pdbx_description
1 polymer 'Dihydrofolate reductase'
2 non-polymer 'CHLORIDE ION'
3 non-polymer "(2S,2'S)-5,5'-(nonane-1,9-diyldiimino)bis(2-{[(4-{[(2,4-diaminopteridin-6-yl)methyl](methyl)amino}phenyl)carbonyl]amino}-5-oxopentanoic acid) (non-preferred name)"
4 non-polymer 'MANGANESE (II) ION'
5 water water
#
_entity_poly.entity_id   1
_entity_poly.type   'polypeptide(L)'
_entity_poly.pdbx_seq_one_letter_code
;MISLIAALAVDRVIGMENAMPWNLPADLAWFKRNTLDKPVIMGRHTWESIGRPLPGRKNIILSSQPGTDDRVTWVKSVDE
AIAACGDVPEIMVIGGGRVYEQFLPKAQKLYLTHIDAEVEGDTHFPDYEPDDWESVFSEFHDADAQNSHSYCFEILERR
;
_entity_poly.pdbx_strand_id   A,B
#
# COMPACT_ATOMS: atom_id res chain seq x y z
N MET A 1 -7.37 -14.25 -27.33
CA MET A 1 -7.81 -12.84 -27.05
C MET A 1 -6.92 -12.18 -25.97
N ILE A 2 -6.52 -10.94 -26.25
CA ILE A 2 -5.55 -10.22 -25.38
C ILE A 2 -6.37 -9.13 -24.69
N SER A 3 -6.17 -8.96 -23.39
CA SER A 3 -6.82 -7.92 -22.59
C SER A 3 -5.73 -7.12 -21.90
N LEU A 4 -6.00 -5.85 -21.65
CA LEU A 4 -5.09 -5.05 -20.80
C LEU A 4 -5.84 -4.80 -19.51
N ILE A 5 -5.12 -4.83 -18.41
CA ILE A 5 -5.74 -4.52 -17.11
C ILE A 5 -4.84 -3.48 -16.47
N ALA A 6 -5.42 -2.35 -16.01
CA ALA A 6 -4.56 -1.23 -15.50
C ALA A 6 -5.33 -0.45 -14.47
N ALA A 7 -4.55 0.16 -13.55
CA ALA A 7 -5.06 1.09 -12.58
C ALA A 7 -4.56 2.48 -12.97
N LEU A 8 -5.54 3.36 -13.10
CA LEU A 8 -5.29 4.71 -13.67
C LEU A 8 -5.68 5.77 -12.69
N ALA A 9 -4.80 6.76 -12.55
CA ALA A 9 -5.12 7.85 -11.73
C ALA A 9 -5.91 8.84 -12.57
N VAL A 10 -6.16 10.01 -12.00
CA VAL A 10 -6.76 11.05 -12.85
C VAL A 10 -5.98 11.37 -14.12
N ASP A 11 -6.72 11.65 -15.19
CA ASP A 11 -6.14 11.90 -16.51
C ASP A 11 -5.36 10.70 -17.06
N ARG A 12 -5.66 9.49 -16.59
CA ARG A 12 -5.04 8.23 -17.01
C ARG A 12 -3.54 8.14 -16.71
N VAL A 13 -3.10 8.87 -15.70
CA VAL A 13 -1.70 8.75 -15.27
C VAL A 13 -1.48 7.36 -14.68
N ILE A 14 -0.38 6.72 -15.07
CA ILE A 14 -0.08 5.42 -14.54
C ILE A 14 1.32 5.40 -13.96
N GLY A 15 1.67 4.28 -13.38
CA GLY A 15 3.04 4.14 -12.74
C GLY A 15 4.10 4.23 -13.83
N MET A 16 5.25 4.76 -13.45
CA MET A 16 6.40 4.70 -14.32
C MET A 16 7.51 3.82 -13.78
N GLU A 17 7.86 4.04 -12.51
CA GLU A 17 8.88 3.23 -11.86
C GLU A 17 8.52 3.09 -10.38
N ASN A 18 8.32 4.23 -9.70
CA ASN A 18 8.12 4.15 -8.27
C ASN A 18 6.68 3.74 -7.96
N ALA A 19 6.43 3.10 -6.82
CA ALA A 19 5.07 2.66 -6.48
C ALA A 19 4.04 3.82 -6.53
N MET A 20 2.82 3.51 -6.97
CA MET A 20 1.80 4.62 -7.07
C MET A 20 1.38 5.05 -5.67
N PRO A 21 1.10 6.35 -5.47
CA PRO A 21 0.77 6.90 -4.13
C PRO A 21 -0.67 6.63 -3.72
N TRP A 22 -0.97 5.35 -3.43
CA TRP A 22 -2.27 4.94 -2.96
C TRP A 22 -2.18 3.58 -2.30
N ASN A 23 -3.24 3.17 -1.60
CA ASN A 23 -3.28 1.91 -0.97
C ASN A 23 -4.67 1.38 -1.30
N LEU A 24 -4.72 0.48 -2.29
CA LEU A 24 -6.01 0.00 -2.80
C LEU A 24 -6.01 -1.53 -2.84
N PRO A 25 -6.11 -2.18 -1.68
CA PRO A 25 -6.27 -3.64 -1.64
C PRO A 25 -7.50 -4.14 -2.38
N ALA A 26 -8.60 -3.35 -2.45
CA ALA A 26 -9.73 -3.85 -3.28
C ALA A 26 -9.33 -3.90 -4.75
N ASP A 27 -8.53 -2.93 -5.20
CA ASP A 27 -8.05 -3.00 -6.60
C ASP A 27 -7.14 -4.22 -6.77
N LEU A 28 -6.28 -4.47 -5.80
CA LEU A 28 -5.44 -5.64 -5.93
C LEU A 28 -6.28 -6.94 -5.96
N ALA A 29 -7.36 -7.02 -5.18
CA ALA A 29 -8.27 -8.15 -5.24
C ALA A 29 -8.94 -8.34 -6.64
N TRP A 30 -9.35 -7.21 -7.25
CA TRP A 30 -9.94 -7.21 -8.57
C TRP A 30 -8.90 -7.69 -9.56
N PHE A 31 -7.67 -7.20 -9.41
CA PHE A 31 -6.59 -7.62 -10.31
C PHE A 31 -6.37 -9.12 -10.17
N LYS A 32 -6.33 -9.59 -8.93
CA LYS A 32 -6.03 -11.04 -8.73
C LYS A 32 -7.19 -11.89 -9.32
N ARG A 33 -8.42 -11.48 -9.07
CA ARG A 33 -9.56 -12.29 -9.56
C ARG A 33 -9.59 -12.31 -11.11
N ASN A 34 -9.26 -11.21 -11.75
CA ASN A 34 -9.30 -11.14 -13.23
C ASN A 34 -8.05 -11.64 -13.91
N THR A 35 -7.01 -11.99 -13.13
CA THR A 35 -5.79 -12.50 -13.75
C THR A 35 -5.48 -13.95 -13.35
N LEU A 36 -6.11 -14.46 -12.32
CA LEU A 36 -5.68 -15.78 -11.85
C LEU A 36 -5.94 -16.84 -12.88
N ASP A 37 -5.03 -17.81 -12.93
CA ASP A 37 -5.13 -18.95 -13.91
C ASP A 37 -5.00 -18.48 -15.38
N LYS A 38 -4.47 -17.26 -15.62
CA LYS A 38 -4.23 -16.76 -16.97
C LYS A 38 -2.80 -16.35 -17.08
N PRO A 39 -2.21 -16.39 -18.29
CA PRO A 39 -0.85 -15.88 -18.36
C PRO A 39 -0.87 -14.35 -18.28
N VAL A 40 0.13 -13.80 -17.61
CA VAL A 40 0.25 -12.35 -17.48
C VAL A 40 1.55 -11.92 -18.17
N ILE A 41 1.46 -10.85 -18.95
CA ILE A 41 2.60 -10.31 -19.64
C ILE A 41 2.89 -8.97 -19.02
N MET A 42 4.12 -8.75 -18.57
CA MET A 42 4.46 -7.43 -17.94
C MET A 42 5.81 -6.94 -18.43
N GLY A 43 6.09 -5.64 -18.28
CA GLY A 43 7.44 -5.10 -18.57
C GLY A 43 8.26 -5.16 -17.27
N ARG A 44 9.51 -4.74 -17.37
CA ARG A 44 10.46 -4.93 -16.27
C ARG A 44 10.20 -4.03 -15.06
N HIS A 45 9.70 -2.82 -15.30
CA HIS A 45 9.36 -1.92 -14.15
C HIS A 45 8.20 -2.52 -13.30
N THR A 46 7.18 -3.04 -13.98
CA THR A 46 6.04 -3.65 -13.30
C THR A 46 6.52 -4.89 -12.57
N TRP A 47 7.32 -5.74 -13.19
CA TRP A 47 7.94 -6.87 -12.50
C TRP A 47 8.63 -6.42 -11.17
N GLU A 48 9.45 -5.40 -11.26
CA GLU A 48 10.14 -4.88 -10.03
C GLU A 48 9.18 -4.39 -8.95
N SER A 49 8.10 -3.78 -9.37
CA SER A 49 7.11 -3.22 -8.45
C SER A 49 6.30 -4.34 -7.79
N ILE A 50 6.03 -5.41 -8.57
CA ILE A 50 5.39 -6.58 -7.93
C ILE A 50 6.26 -7.23 -6.87
N GLY A 51 7.52 -7.37 -7.19
CA GLY A 51 8.51 -7.82 -6.21
C GLY A 51 8.62 -9.33 -6.09
N ARG A 52 7.82 -10.11 -6.84
CA ARG A 52 7.79 -11.59 -6.69
C ARG A 52 6.94 -12.11 -7.87
N PRO A 53 7.08 -13.38 -8.26
CA PRO A 53 6.18 -13.94 -9.24
C PRO A 53 4.72 -13.88 -8.70
N LEU A 54 3.76 -13.61 -9.59
CA LEU A 54 2.38 -13.66 -9.16
C LEU A 54 1.97 -15.14 -9.15
N PRO A 55 1.54 -15.65 -7.99
CA PRO A 55 1.26 -17.11 -7.92
C PRO A 55 0.03 -17.43 -8.78
N GLY A 56 0.03 -18.63 -9.33
CA GLY A 56 -1.16 -19.10 -10.00
C GLY A 56 -1.40 -18.54 -11.37
N ARG A 57 -0.34 -17.91 -11.91
CA ARG A 57 -0.34 -17.32 -13.29
C ARG A 57 1.00 -17.60 -13.92
N LYS A 58 1.04 -17.93 -15.24
CA LYS A 58 2.33 -17.90 -15.91
C LYS A 58 2.78 -16.47 -15.99
N ASN A 59 3.95 -16.15 -15.45
CA ASN A 59 4.40 -14.74 -15.46
C ASN A 59 5.36 -14.63 -16.63
N ILE A 60 5.12 -13.70 -17.57
CA ILE A 60 5.98 -13.48 -18.69
C ILE A 60 6.46 -12.02 -18.68
N ILE A 61 7.79 -11.83 -18.69
CA ILE A 61 8.28 -10.45 -18.52
C ILE A 61 8.95 -10.11 -19.89
N LEU A 62 8.48 -9.02 -20.52
CA LEU A 62 9.01 -8.57 -21.82
C LEU A 62 10.07 -7.50 -21.54
N SER A 63 11.31 -7.81 -21.94
CA SER A 63 12.45 -6.96 -21.54
C SER A 63 13.55 -7.08 -22.56
N SER A 64 14.24 -6.01 -22.93
CA SER A 64 15.38 -6.27 -23.85
C SER A 64 16.61 -6.94 -23.18
N GLN A 65 16.61 -6.94 -21.83
CA GLN A 65 17.77 -7.32 -21.00
C GLN A 65 17.64 -8.74 -20.49
N PRO A 66 18.77 -9.42 -20.28
CA PRO A 66 18.64 -10.79 -19.76
C PRO A 66 17.79 -10.91 -18.46
N GLY A 67 17.09 -12.02 -18.31
CA GLY A 67 16.30 -12.31 -17.11
C GLY A 67 17.19 -12.53 -15.87
N THR A 68 16.62 -12.25 -14.69
CA THR A 68 17.35 -12.17 -13.40
C THR A 68 16.51 -12.94 -12.39
N ASP A 69 15.68 -13.83 -12.90
CA ASP A 69 14.79 -14.65 -12.01
C ASP A 69 14.26 -15.81 -12.77
N ASP A 70 14.81 -16.99 -12.51
CA ASP A 70 14.34 -18.16 -13.25
C ASP A 70 12.92 -18.68 -12.88
N ARG A 71 12.26 -18.05 -11.92
CA ARG A 71 10.89 -18.40 -11.52
C ARG A 71 9.90 -17.92 -12.53
N VAL A 72 10.35 -17.04 -13.46
CA VAL A 72 9.41 -16.47 -14.44
C VAL A 72 9.99 -16.67 -15.82
N THR A 73 9.21 -16.43 -16.86
CA THR A 73 9.65 -16.51 -18.24
C THR A 73 10.02 -15.12 -18.84
N TRP A 74 11.19 -15.05 -19.49
CA TRP A 74 11.67 -13.81 -20.02
C TRP A 74 11.63 -13.88 -21.55
N VAL A 75 11.07 -12.85 -22.16
CA VAL A 75 10.99 -12.77 -23.60
C VAL A 75 11.45 -11.37 -24.06
N LYS A 76 11.81 -11.26 -25.34
CA LYS A 76 12.39 -10.04 -25.85
C LYS A 76 11.58 -9.31 -26.85
N SER A 77 10.44 -9.85 -27.29
CA SER A 77 9.57 -9.20 -28.23
C SER A 77 8.13 -9.50 -27.90
N VAL A 78 7.24 -8.69 -28.46
CA VAL A 78 5.79 -8.91 -28.37
C VAL A 78 5.39 -10.31 -28.87
N ASP A 79 5.85 -10.68 -30.07
CA ASP A 79 5.43 -11.99 -30.57
C ASP A 79 5.93 -13.13 -29.70
N GLU A 80 7.10 -12.93 -29.10
CA GLU A 80 7.62 -13.95 -28.19
C GLU A 80 6.77 -14.03 -26.95
N ALA A 81 6.37 -12.87 -26.41
CA ALA A 81 5.45 -12.87 -25.25
C ALA A 81 4.16 -13.63 -25.58
N ILE A 82 3.58 -13.41 -26.75
CA ILE A 82 2.27 -13.98 -27.03
C ILE A 82 2.47 -15.50 -27.14
N ALA A 83 3.60 -15.86 -27.71
CA ALA A 83 3.84 -17.30 -28.00
C ALA A 83 3.99 -18.07 -26.71
N ALA A 84 4.67 -17.44 -25.71
CA ALA A 84 4.86 -18.01 -24.40
C ALA A 84 3.56 -18.24 -23.66
N CYS A 85 2.50 -17.54 -24.08
CA CYS A 85 1.20 -17.69 -23.43
C CYS A 85 0.54 -18.98 -23.89
N GLY A 86 0.90 -19.40 -25.08
CA GLY A 86 0.32 -20.62 -25.67
C GLY A 86 -1.13 -20.50 -26.03
N ASP A 87 -1.88 -21.59 -26.03
CA ASP A 87 -3.26 -21.52 -26.60
C ASP A 87 -4.24 -21.36 -25.42
N VAL A 88 -4.51 -20.12 -24.98
CA VAL A 88 -5.38 -19.96 -23.86
C VAL A 88 -6.53 -19.01 -24.31
N PRO A 89 -7.64 -19.00 -23.60
CA PRO A 89 -8.73 -18.12 -24.03
C PRO A 89 -8.42 -16.62 -23.83
N GLU A 90 -7.61 -16.26 -22.81
CA GLU A 90 -7.38 -14.83 -22.55
C GLU A 90 -5.99 -14.60 -21.95
N ILE A 91 -5.29 -13.63 -22.56
CA ILE A 91 -3.95 -13.18 -22.12
C ILE A 91 -4.15 -11.87 -21.40
N MET A 92 -3.55 -11.71 -20.23
CA MET A 92 -3.74 -10.47 -19.47
C MET A 92 -2.44 -9.65 -19.59
N VAL A 93 -2.47 -8.44 -20.15
CA VAL A 93 -1.30 -7.61 -20.23
C VAL A 93 -1.41 -6.65 -19.05
N ILE A 94 -0.42 -6.65 -18.14
CA ILE A 94 -0.59 -6.01 -16.82
C ILE A 94 0.21 -4.72 -16.60
N GLY A 95 0.92 -4.29 -17.65
CA GLY A 95 1.68 -2.96 -17.67
C GLY A 95 3.18 -3.24 -17.72
N GLY A 96 4.03 -2.20 -17.83
CA GLY A 96 3.66 -0.85 -17.66
C GLY A 96 3.31 -0.14 -18.93
N GLY A 97 3.63 1.16 -18.99
CA GLY A 97 3.11 1.99 -20.07
C GLY A 97 3.61 1.55 -21.42
N ARG A 98 4.93 1.25 -21.55
CA ARG A 98 5.38 0.87 -22.91
C ARG A 98 4.70 -0.47 -23.34
N VAL A 99 4.55 -1.40 -22.39
CA VAL A 99 3.85 -2.67 -22.68
C VAL A 99 2.38 -2.40 -23.09
N TYR A 100 1.67 -1.53 -22.39
CA TYR A 100 0.29 -1.22 -22.80
C TYR A 100 0.25 -0.67 -24.27
N GLU A 101 1.17 0.27 -24.60
CA GLU A 101 1.22 0.86 -25.96
C GLU A 101 1.47 -0.25 -27.02
N GLN A 102 2.32 -1.19 -26.70
CA GLN A 102 2.65 -2.33 -27.57
C GLN A 102 1.47 -3.26 -27.81
N PHE A 103 0.68 -3.48 -26.76
CA PHE A 103 -0.38 -4.49 -26.85
C PHE A 103 -1.76 -3.92 -27.13
N LEU A 104 -1.99 -2.63 -26.87
CA LEU A 104 -3.37 -2.10 -27.09
C LEU A 104 -3.90 -2.42 -28.50
N PRO A 105 -3.09 -2.22 -29.60
CA PRO A 105 -3.65 -2.51 -30.95
C PRO A 105 -4.14 -3.96 -31.08
N LYS A 106 -3.53 -4.87 -30.31
CA LYS A 106 -3.89 -6.32 -30.37
C LYS A 106 -5.05 -6.68 -29.46
N ALA A 107 -5.46 -5.75 -28.60
CA ALA A 107 -6.28 -6.10 -27.45
C ALA A 107 -7.74 -5.98 -27.84
N GLN A 108 -8.55 -6.85 -27.30
CA GLN A 108 -10.04 -6.73 -27.42
C GLN A 108 -10.76 -6.31 -26.18
N LYS A 109 -10.07 -6.22 -25.01
CA LYS A 109 -10.81 -5.92 -23.80
C LYS A 109 -9.89 -5.12 -22.89
N LEU A 110 -10.45 -4.19 -22.15
CA LEU A 110 -9.73 -3.37 -21.15
C LEU A 110 -10.41 -3.56 -19.80
N TYR A 111 -9.65 -3.86 -18.76
CA TYR A 111 -10.18 -3.83 -17.42
C TYR A 111 -9.51 -2.64 -16.77
N LEU A 112 -10.25 -1.58 -16.46
CA LEU A 112 -9.61 -0.34 -16.01
C LEU A 112 -10.10 -0.04 -14.64
N THR A 113 -9.24 0.39 -13.72
CA THR A 113 -9.73 0.87 -12.47
C THR A 113 -9.45 2.37 -12.52
N HIS A 114 -10.50 3.19 -12.52
CA HIS A 114 -10.31 4.63 -12.57
C HIS A 114 -10.29 5.09 -11.13
N ILE A 115 -9.12 5.56 -10.66
CA ILE A 115 -8.93 5.98 -9.31
C ILE A 115 -8.93 7.50 -9.16
N ASP A 116 -9.69 8.01 -8.18
CA ASP A 116 -9.84 9.48 -7.97
C ASP A 116 -8.65 9.94 -7.16
N ALA A 117 -7.50 9.88 -7.79
CA ALA A 117 -6.24 10.27 -7.16
C ALA A 117 -5.51 11.17 -8.12
N GLU A 118 -5.12 12.34 -7.64
CA GLU A 118 -4.42 13.35 -8.46
C GLU A 118 -2.95 13.09 -8.38
N VAL A 119 -2.42 12.36 -9.37
CA VAL A 119 -1.05 11.90 -9.24
C VAL A 119 -0.27 12.58 -10.32
N GLU A 120 0.84 13.23 -9.97
CA GLU A 120 1.56 13.93 -11.01
C GLU A 120 2.40 12.99 -11.80
N GLY A 121 2.43 13.19 -13.12
CA GLY A 121 3.28 12.35 -13.93
C GLY A 121 2.98 12.45 -15.42
N ASP A 122 3.93 12.04 -16.24
CA ASP A 122 3.75 12.19 -17.66
C ASP A 122 3.47 10.85 -18.31
N THR A 123 3.50 9.77 -17.53
CA THR A 123 3.17 8.47 -18.08
C THR A 123 1.69 8.23 -17.98
N HIS A 124 1.10 7.86 -19.12
CA HIS A 124 -0.35 7.73 -19.20
C HIS A 124 -0.70 6.44 -19.89
N PHE A 125 -1.83 5.90 -19.52
CA PHE A 125 -2.43 4.78 -20.27
C PHE A 125 -2.66 5.26 -21.67
N PRO A 126 -2.46 4.40 -22.70
CA PRO A 126 -2.48 4.88 -24.09
C PRO A 126 -3.85 5.40 -24.46
N ASP A 127 -3.87 6.30 -25.47
CA ASP A 127 -5.19 6.80 -25.92
C ASP A 127 -6.05 5.74 -26.53
N TYR A 128 -7.25 5.60 -26.00
CA TYR A 128 -8.23 4.81 -26.70
C TYR A 128 -9.30 5.79 -27.07
N GLU A 129 -10.03 5.49 -28.14
CA GLU A 129 -11.07 6.40 -28.65
C GLU A 129 -12.37 5.97 -28.01
N PRO A 130 -13.14 6.96 -27.50
CA PRO A 130 -14.25 6.72 -26.56
C PRO A 130 -15.19 5.66 -27.09
N ASP A 131 -15.30 5.67 -28.41
CA ASP A 131 -16.39 5.07 -29.14
C ASP A 131 -15.94 3.81 -29.87
N ASP A 132 -14.62 3.55 -29.93
CA ASP A 132 -14.14 2.29 -30.46
C ASP A 132 -14.41 1.18 -29.45
N TRP A 133 -14.93 1.52 -28.26
CA TRP A 133 -15.06 0.56 -27.12
C TRP A 133 -16.45 0.49 -26.44
N GLU A 134 -16.96 -0.69 -26.15
CA GLU A 134 -18.29 -0.87 -25.46
C GLU A 134 -18.01 -1.02 -23.96
N SER A 135 -18.52 -0.11 -23.11
CA SER A 135 -18.39 -0.33 -21.68
C SER A 135 -19.43 -1.32 -21.25
N VAL A 136 -18.98 -2.44 -20.68
CA VAL A 136 -19.86 -3.56 -20.37
C VAL A 136 -20.03 -3.83 -18.88
N PHE A 137 -19.24 -3.15 -18.06
CA PHE A 137 -19.35 -3.32 -16.66
C PHE A 137 -18.76 -2.06 -16.06
N SER A 138 -19.41 -1.56 -15.02
CA SER A 138 -18.88 -0.39 -14.36
C SER A 138 -19.38 -0.46 -12.93
N GLU A 139 -18.53 -0.20 -11.94
CA GLU A 139 -18.92 -0.35 -10.52
C GLU A 139 -18.04 0.56 -9.68
N PHE A 140 -18.66 1.56 -9.04
CA PHE A 140 -17.98 2.56 -8.22
C PHE A 140 -17.85 2.13 -6.76
N HIS A 141 -16.75 2.47 -6.17
CA HIS A 141 -16.53 2.29 -4.74
C HIS A 141 -15.93 3.49 -4.07
N ASP A 142 -16.39 3.82 -2.86
CA ASP A 142 -15.81 4.98 -2.15
C ASP A 142 -14.57 4.46 -1.41
N ALA A 143 -13.68 5.40 -1.07
CA ALA A 143 -12.54 5.22 -0.19
C ALA A 143 -13.13 4.80 1.18
N ASP A 144 -12.37 3.99 1.91
CA ASP A 144 -12.81 3.48 3.21
C ASP A 144 -11.63 3.27 4.11
N ALA A 145 -11.81 2.50 5.20
CA ALA A 145 -10.71 2.38 6.13
C ALA A 145 -9.51 1.65 5.50
N GLN A 146 -9.75 0.80 4.49
CA GLN A 146 -8.63 0.01 3.84
C GLN A 146 -8.16 0.57 2.49
N ASN A 147 -8.96 1.43 1.87
CA ASN A 147 -8.69 1.89 0.50
C ASN A 147 -8.63 3.41 0.48
N SER A 148 -7.47 3.93 0.07
CA SER A 148 -7.17 5.37 0.22
C SER A 148 -8.03 6.33 -0.61
N HIS A 149 -8.59 5.83 -1.71
CA HIS A 149 -9.21 6.71 -2.72
C HIS A 149 -10.41 5.99 -3.21
N SER A 150 -11.39 6.71 -3.74
CA SER A 150 -12.44 6.03 -4.47
C SER A 150 -11.98 5.46 -5.81
N TYR A 151 -12.75 4.54 -6.39
CA TYR A 151 -12.21 3.77 -7.50
C TYR A 151 -13.42 3.19 -8.22
N CYS A 152 -13.31 3.08 -9.55
CA CYS A 152 -14.42 2.65 -10.38
C CYS A 152 -13.84 1.59 -11.30
N PHE A 153 -14.31 0.35 -11.18
CA PHE A 153 -13.92 -0.75 -12.06
C PHE A 153 -14.77 -0.64 -13.31
N GLU A 154 -14.14 -0.73 -14.47
CA GLU A 154 -14.82 -0.74 -15.78
C GLU A 154 -14.27 -1.85 -16.64
N ILE A 155 -15.13 -2.50 -17.41
CA ILE A 155 -14.64 -3.43 -18.42
C ILE A 155 -15.12 -2.91 -19.77
N LEU A 156 -14.18 -2.75 -20.73
CA LEU A 156 -14.64 -2.30 -22.09
C LEU A 156 -14.27 -3.37 -23.07
N GLU A 157 -15.09 -3.49 -24.13
CA GLU A 157 -14.87 -4.46 -25.19
C GLU A 157 -14.77 -3.71 -26.50
N ARG A 158 -13.80 -4.07 -27.35
CA ARG A 158 -13.51 -3.31 -28.52
C ARG A 158 -14.67 -3.58 -29.53
N ARG A 159 -15.18 -2.50 -30.09
CA ARG A 159 -16.19 -2.56 -31.18
C ARG A 159 -15.55 -2.81 -32.52
N MET B 1 9.21 1.00 30.07
CA MET B 1 9.38 2.23 29.32
C MET B 1 8.27 2.23 28.26
N ILE B 2 7.68 3.38 27.98
CA ILE B 2 6.64 3.45 26.97
C ILE B 2 7.19 4.21 25.75
N SER B 3 6.94 3.69 24.54
CA SER B 3 7.39 4.29 23.30
C SER B 3 6.24 4.52 22.42
N LEU B 4 6.32 5.54 21.58
CA LEU B 4 5.25 5.76 20.58
C LEU B 4 5.91 5.46 19.25
N ILE B 5 5.17 4.77 18.40
CA ILE B 5 5.67 4.53 17.08
C ILE B 5 4.61 5.04 16.12
N ALA B 6 4.99 5.88 15.14
CA ALA B 6 4.04 6.47 14.22
C ALA B 6 4.68 6.82 12.84
N ALA B 7 3.81 6.87 11.81
CA ALA B 7 4.14 7.27 10.42
C ALA B 7 3.51 8.66 10.23
N LEU B 8 4.33 9.66 10.01
CA LEU B 8 3.90 11.11 9.95
C LEU B 8 4.05 11.60 8.54
N ALA B 9 3.00 12.12 7.93
CA ALA B 9 3.20 12.79 6.64
C ALA B 9 3.69 14.20 6.94
N VAL B 10 3.77 15.04 5.92
CA VAL B 10 4.09 16.46 6.15
C VAL B 10 3.18 17.07 7.25
N ASP B 11 3.75 17.87 8.16
CA ASP B 11 2.99 18.58 9.16
C ASP B 11 2.43 17.66 10.17
N ARG B 12 3.16 16.55 10.43
CA ARG B 12 2.74 15.57 11.41
C ARG B 12 1.34 14.98 11.16
N VAL B 13 0.85 14.99 9.93
CA VAL B 13 -0.44 14.36 9.65
C VAL B 13 -0.32 12.82 9.83
N ILE B 14 -1.23 12.20 10.54
CA ILE B 14 -1.15 10.76 10.78
C ILE B 14 -2.36 9.94 10.35
N GLY B 15 -3.49 10.59 10.06
CA GLY B 15 -4.69 9.80 9.77
C GLY B 15 -5.65 10.70 9.02
N MET B 16 -6.37 10.08 8.15
CA MET B 16 -7.27 10.80 7.28
C MET B 16 -8.61 10.14 7.44
N GLU B 17 -9.57 10.62 6.64
CA GLU B 17 -10.88 10.02 6.76
C GLU B 17 -10.78 8.53 6.43
N ASN B 18 -9.99 8.22 5.38
CA ASN B 18 -9.83 6.84 4.89
C ASN B 18 -8.36 6.36 4.98
N ALA B 19 -8.03 5.15 4.48
CA ALA B 19 -6.63 4.70 4.50
C ALA B 19 -5.66 5.81 3.99
N MET B 20 -4.44 5.87 4.55
CA MET B 20 -3.51 6.90 4.12
C MET B 20 -3.10 6.63 2.64
N PRO B 21 -2.88 7.70 1.85
CA PRO B 21 -2.56 7.67 0.39
C PRO B 21 -1.12 7.37 0.10
N TRP B 22 -0.70 6.16 0.53
CA TRP B 22 0.64 5.72 0.29
C TRP B 22 0.73 4.21 0.41
N ASN B 23 1.82 3.69 -0.15
CA ASN B 23 2.11 2.22 -0.10
C ASN B 23 3.55 2.13 0.33
N LEU B 24 3.76 1.78 1.63
CA LEU B 24 5.12 1.85 2.24
C LEU B 24 5.39 0.52 2.93
N PRO B 25 5.54 -0.56 2.14
CA PRO B 25 5.94 -1.78 2.79
C PRO B 25 7.24 -1.65 3.62
N ALA B 26 8.20 -0.81 3.24
CA ALA B 26 9.42 -0.73 4.07
C ALA B 26 9.04 -0.17 5.45
N ASP B 27 8.09 0.77 5.48
CA ASP B 27 7.59 1.28 6.77
C ASP B 27 6.88 0.19 7.56
N LEU B 28 6.08 -0.68 6.89
CA LEU B 28 5.45 -1.72 7.69
C LEU B 28 6.51 -2.69 8.19
N ALA B 29 7.61 -2.86 7.45
CA ALA B 29 8.60 -3.85 7.94
C ALA B 29 9.36 -3.26 9.12
N TRP B 30 9.59 -1.93 9.05
CA TRP B 30 10.26 -1.21 10.19
C TRP B 30 9.32 -1.26 11.43
N PHE B 31 7.99 -1.10 11.20
CA PHE B 31 7.00 -1.18 12.24
C PHE B 31 7.02 -2.55 12.90
N LYS B 32 7.02 -3.57 12.08
CA LYS B 32 7.12 -4.94 12.60
C LYS B 32 8.42 -5.16 13.39
N ARG B 33 9.55 -4.75 12.84
CA ARG B 33 10.83 -4.92 13.46
C ARG B 33 10.81 -4.30 14.85
N ASN B 34 10.19 -3.12 14.97
CA ASN B 34 10.21 -2.42 16.25
C ASN B 34 9.08 -2.74 17.20
N THR B 35 8.13 -3.58 16.77
CA THR B 35 7.03 -3.91 17.71
C THR B 35 6.95 -5.40 17.96
N LEU B 36 7.53 -6.24 17.10
CA LEU B 36 7.51 -7.70 17.35
C LEU B 36 8.00 -8.03 18.76
N ASP B 37 7.33 -8.97 19.46
CA ASP B 37 7.70 -9.34 20.86
C ASP B 37 7.71 -8.23 21.89
N LYS B 38 6.89 -7.20 21.66
CA LYS B 38 6.57 -6.18 22.58
C LYS B 38 5.02 -6.05 22.59
N PRO B 39 4.44 -5.74 23.73
CA PRO B 39 3.02 -5.49 23.69
C PRO B 39 2.71 -4.21 22.93
N VAL B 40 1.63 -4.21 22.14
CA VAL B 40 1.24 -2.98 21.42
C VAL B 40 -0.09 -2.52 21.94
N ILE B 41 -0.20 -1.20 22.20
CA ILE B 41 -1.41 -0.53 22.67
C ILE B 41 -1.92 0.34 21.52
N MET B 42 -3.19 0.16 21.15
CA MET B 42 -3.76 0.93 20.03
C MET B 42 -5.15 1.35 20.36
N GLY B 43 -5.67 2.35 19.62
CA GLY B 43 -7.05 2.77 19.72
C GLY B 43 -7.89 1.97 18.75
N ARG B 44 -9.19 2.08 18.92
CA ARG B 44 -10.12 1.24 18.15
C ARG B 44 -10.09 1.50 16.64
N HIS B 45 -9.99 2.75 16.26
CA HIS B 45 -9.87 3.06 14.83
C HIS B 45 -8.65 2.40 14.12
N THR B 46 -7.52 2.39 14.84
CA THR B 46 -6.29 1.75 14.36
C THR B 46 -6.53 0.24 14.28
N TRP B 47 -7.16 -0.29 15.33
CA TRP B 47 -7.59 -1.72 15.30
C TRP B 47 -8.41 -2.02 14.04
N GLU B 48 -9.33 -1.13 13.73
CA GLU B 48 -10.15 -1.29 12.53
C GLU B 48 -9.30 -1.18 11.26
N SER B 49 -8.40 -0.21 11.20
CA SER B 49 -7.51 -0.03 10.06
C SER B 49 -6.64 -1.27 9.77
N ILE B 50 -6.14 -1.89 10.84
CA ILE B 50 -5.23 -3.03 10.70
C ILE B 50 -6.00 -4.24 10.21
N GLY B 51 -7.18 -4.42 10.76
CA GLY B 51 -8.08 -5.47 10.27
C GLY B 51 -7.96 -6.84 10.92
N ARG B 52 -6.90 -7.08 11.70
CA ARG B 52 -6.59 -8.43 12.20
C ARG B 52 -5.60 -8.17 13.31
N PRO B 53 -5.38 -9.16 14.23
CA PRO B 53 -4.31 -8.95 15.20
C PRO B 53 -2.95 -8.85 14.55
N LEU B 54 -2.03 -8.11 15.19
CA LEU B 54 -0.64 -8.14 14.75
C LEU B 54 -0.03 -9.45 15.34
N PRO B 55 0.47 -10.34 14.47
CA PRO B 55 1.05 -11.63 14.87
C PRO B 55 2.27 -11.39 15.77
N GLY B 56 2.41 -12.23 16.80
CA GLY B 56 3.69 -12.30 17.51
C GLY B 56 3.92 -11.10 18.43
N ARG B 57 2.82 -10.45 18.84
CA ARG B 57 2.80 -9.30 19.72
C ARG B 57 1.57 -9.35 20.54
N LYS B 58 1.67 -8.96 21.82
CA LYS B 58 0.48 -8.84 22.64
C LYS B 58 -0.28 -7.62 22.08
N ASN B 59 -1.51 -7.84 21.62
CA ASN B 59 -2.34 -6.74 21.04
C ASN B 59 -3.30 -6.23 22.09
N ILE B 60 -3.18 -4.97 22.48
CA ILE B 60 -4.06 -4.36 23.45
C ILE B 60 -4.83 -3.23 22.80
N ILE B 61 -6.16 -3.24 22.94
CA ILE B 61 -7.00 -2.23 22.35
C ILE B 61 -7.57 -1.40 23.50
N LEU B 62 -7.27 -0.11 23.51
CA LEU B 62 -7.81 0.85 24.44
C LEU B 62 -9.08 1.55 23.87
N SER B 63 -10.24 1.15 24.38
CA SER B 63 -11.51 1.74 23.96
C SER B 63 -12.39 1.79 25.19
N SER B 64 -13.25 2.81 25.27
CA SER B 64 -14.18 2.94 26.38
C SER B 64 -15.38 1.99 26.23
N GLN B 65 -15.56 1.54 24.99
CA GLN B 65 -16.71 0.80 24.58
C GLN B 65 -16.30 -0.70 24.57
N PRO B 66 -17.23 -1.64 24.90
CA PRO B 66 -16.93 -3.09 24.97
C PRO B 66 -16.37 -3.76 23.68
N GLY B 67 -15.80 -4.96 23.84
CA GLY B 67 -14.96 -5.59 22.80
C GLY B 67 -15.46 -6.72 21.89
N THR B 68 -15.09 -6.62 20.61
CA THR B 68 -15.71 -7.36 19.55
C THR B 68 -14.79 -8.39 18.87
N ASP B 69 -13.75 -8.82 19.57
CA ASP B 69 -12.82 -9.82 19.02
C ASP B 69 -12.05 -10.42 20.20
N ASP B 70 -11.98 -11.74 20.18
CA ASP B 70 -11.42 -12.52 21.25
C ASP B 70 -9.94 -12.70 21.06
N ARG B 71 -9.43 -12.36 19.86
CA ARG B 71 -8.02 -12.65 19.58
C ARG B 71 -7.03 -11.58 20.09
N VAL B 72 -7.57 -10.47 20.63
CA VAL B 72 -6.80 -9.39 21.26
C VAL B 72 -7.38 -9.06 22.66
N THR B 73 -6.69 -8.23 23.45
CA THR B 73 -7.09 -7.91 24.82
C THR B 73 -7.63 -6.50 24.79
N TRP B 74 -8.75 -6.27 25.48
CA TRP B 74 -9.45 -4.97 25.45
C TRP B 74 -9.35 -4.35 26.82
N VAL B 75 -9.06 -3.05 26.87
CA VAL B 75 -8.93 -2.35 28.13
C VAL B 75 -9.61 -1.00 28.05
N LYS B 76 -9.94 -0.42 29.21
CA LYS B 76 -10.78 0.77 29.26
C LYS B 76 -10.07 2.05 29.69
N SER B 77 -8.87 1.98 30.28
CA SER B 77 -8.13 3.18 30.72
C SER B 77 -6.60 3.05 30.46
N VAL B 78 -5.86 4.17 30.48
CA VAL B 78 -4.43 4.11 30.23
C VAL B 78 -3.77 3.17 31.24
N ASP B 79 -4.14 3.32 32.53
CA ASP B 79 -3.55 2.49 33.57
C ASP B 79 -3.75 0.98 33.39
N GLU B 80 -4.95 0.59 32.97
CA GLU B 80 -5.24 -0.82 32.69
C GLU B 80 -4.45 -1.33 31.48
N ALA B 81 -4.22 -0.44 30.49
CA ALA B 81 -3.46 -0.78 29.28
C ALA B 81 -2.08 -1.05 29.71
N ILE B 82 -1.52 -0.16 30.53
CA ILE B 82 -0.19 -0.47 31.08
C ILE B 82 -0.18 -1.80 31.85
N ALA B 83 -1.12 -1.98 32.77
CA ALA B 83 -1.04 -3.23 33.57
C ALA B 83 -1.14 -4.49 32.71
N ALA B 84 -1.98 -4.45 31.67
CA ALA B 84 -2.13 -5.56 30.70
C ALA B 84 -0.81 -5.96 30.01
N CYS B 85 0.10 -4.98 29.91
CA CYS B 85 1.38 -5.19 29.27
C CYS B 85 2.32 -6.08 30.08
N GLY B 86 2.04 -6.20 31.38
CA GLY B 86 2.86 -7.03 32.29
C GLY B 86 4.25 -6.47 32.62
N ASP B 87 5.17 -7.34 33.02
CA ASP B 87 6.54 -6.97 33.36
C ASP B 87 7.35 -7.06 32.05
N VAL B 88 7.39 -5.95 31.28
CA VAL B 88 8.11 -5.93 30.02
C VAL B 88 9.00 -4.70 29.94
N PRO B 89 10.05 -4.76 29.13
CA PRO B 89 11.00 -3.67 29.07
C PRO B 89 10.42 -2.42 28.36
N GLU B 90 9.51 -2.66 27.43
CA GLU B 90 9.06 -1.58 26.56
C GLU B 90 7.69 -1.92 25.99
N ILE B 91 6.82 -0.93 26.12
CA ILE B 91 5.47 -0.95 25.64
C ILE B 91 5.45 -0.02 24.41
N MET B 92 4.86 -0.53 23.32
CA MET B 92 4.71 0.21 22.09
C MET B 92 3.33 0.70 21.84
N VAL B 93 3.19 2.01 21.74
CA VAL B 93 1.89 2.63 21.56
C VAL B 93 1.83 2.95 20.05
N ILE B 94 0.84 2.39 19.30
CA ILE B 94 0.94 2.34 17.81
C ILE B 94 -0.12 3.24 17.15
N GLY B 95 -0.80 3.99 18.02
CA GLY B 95 -1.70 5.02 17.57
C GLY B 95 -3.15 4.77 17.81
N GLY B 96 -3.87 5.46 16.92
CA GLY B 96 -4.32 6.81 16.84
C GLY B 96 -3.86 8.05 17.56
N GLY B 97 -4.27 9.19 16.97
CA GLY B 97 -4.05 10.56 17.48
C GLY B 97 -4.39 10.66 18.96
N ARG B 98 -5.60 10.25 19.40
CA ARG B 98 -5.96 10.34 20.84
C ARG B 98 -5.08 9.46 21.70
N VAL B 99 -4.81 8.24 21.24
CA VAL B 99 -3.95 7.35 22.01
C VAL B 99 -2.50 7.96 22.11
N TYR B 100 -1.95 8.49 20.99
CA TYR B 100 -0.66 9.25 21.12
C TYR B 100 -0.71 10.40 22.15
N GLU B 101 -1.76 11.22 22.07
CA GLU B 101 -1.91 12.31 23.02
C GLU B 101 -1.84 11.83 24.48
N GLN B 102 -2.55 10.78 24.81
CA GLN B 102 -2.60 10.29 26.17
C GLN B 102 -1.31 9.67 26.62
N PHE B 103 -0.62 8.96 25.73
CA PHE B 103 0.62 8.32 26.10
C PHE B 103 1.87 9.18 25.91
N LEU B 104 1.84 10.21 25.06
CA LEU B 104 3.06 11.03 24.90
C LEU B 104 3.74 11.46 26.22
N PRO B 105 2.99 11.99 27.20
CA PRO B 105 3.75 12.56 28.31
C PRO B 105 4.46 11.45 29.10
N LYS B 106 3.92 10.24 28.98
CA LYS B 106 4.51 9.07 29.66
C LYS B 106 5.65 8.41 28.90
N ALA B 107 5.83 8.85 27.65
CA ALA B 107 6.72 8.17 26.68
C ALA B 107 8.16 8.67 26.84
N GLN B 108 9.12 7.74 26.73
CA GLN B 108 10.52 8.13 26.69
C GLN B 108 11.18 8.04 25.32
N LYS B 109 10.47 7.42 24.39
CA LYS B 109 11.08 7.13 23.09
C LYS B 109 10.00 7.28 22.02
N LEU B 110 10.43 7.82 20.89
CA LEU B 110 9.53 7.96 19.75
C LEU B 110 10.17 7.29 18.52
N TYR B 111 9.46 6.41 17.81
CA TYR B 111 10.05 5.86 16.61
C TYR B 111 9.16 6.51 15.55
N LEU B 112 9.70 7.42 14.76
CA LEU B 112 8.87 8.15 13.80
C LEU B 112 9.32 7.84 12.37
N THR B 113 8.38 7.60 11.47
CA THR B 113 8.71 7.55 10.08
C THR B 113 8.20 8.83 9.46
N HIS B 114 9.12 9.67 9.01
CA HIS B 114 8.71 10.94 8.38
C HIS B 114 8.59 10.73 6.88
N ILE B 115 7.39 10.92 6.36
CA ILE B 115 7.12 10.52 4.96
C ILE B 115 6.85 11.82 4.16
N ASP B 116 7.40 11.96 3.00
CA ASP B 116 7.26 13.23 2.28
C ASP B 116 6.03 13.08 1.39
N ALA B 117 4.89 13.20 2.04
CA ALA B 117 3.58 13.14 1.40
C ALA B 117 2.82 14.35 1.88
N GLU B 118 2.19 15.08 0.93
CA GLU B 118 1.48 16.29 1.27
C GLU B 118 0.01 15.96 1.36
N VAL B 119 -0.51 15.86 2.58
CA VAL B 119 -1.91 15.43 2.72
C VAL B 119 -2.61 16.29 3.74
N GLU B 120 -3.92 16.53 3.56
CA GLU B 120 -4.66 17.29 4.60
C GLU B 120 -5.14 16.42 5.77
N GLY B 121 -4.80 16.74 7.02
CA GLY B 121 -4.93 15.66 8.02
C GLY B 121 -6.22 15.74 8.81
N ASP B 122 -6.77 14.56 9.18
CA ASP B 122 -7.86 14.46 10.20
C ASP B 122 -7.26 14.43 11.59
N THR B 123 -6.27 13.57 11.79
CA THR B 123 -5.58 13.56 13.06
C THR B 123 -4.09 13.88 12.81
N HIS B 124 -3.45 14.43 13.85
CA HIS B 124 -2.02 14.81 13.74
C HIS B 124 -1.35 14.19 14.89
N PHE B 125 -0.08 13.89 14.71
CA PHE B 125 0.74 13.53 15.86
C PHE B 125 0.75 14.69 16.85
N PRO B 126 0.78 14.37 18.15
CA PRO B 126 0.84 15.46 19.09
C PRO B 126 2.02 16.36 18.89
N ASP B 127 1.83 17.62 19.21
CA ASP B 127 2.93 18.54 19.07
C ASP B 127 3.93 18.04 20.12
N TYR B 128 5.21 18.09 19.76
CA TYR B 128 6.31 17.91 20.75
C TYR B 128 7.35 18.97 20.33
N GLU B 129 8.24 19.37 21.24
CA GLU B 129 9.30 20.32 20.92
C GLU B 129 10.54 19.50 20.56
N PRO B 130 11.00 19.57 19.30
CA PRO B 130 12.22 18.81 18.89
C PRO B 130 13.39 18.99 19.83
N ASP B 131 13.63 20.19 20.39
CA ASP B 131 14.76 20.30 21.33
C ASP B 131 14.61 19.57 22.66
N ASP B 132 13.43 19.01 22.93
CA ASP B 132 13.27 18.17 24.14
C ASP B 132 13.65 16.71 23.88
N TRP B 133 14.02 16.44 22.61
CA TRP B 133 14.32 15.05 22.20
C TRP B 133 15.65 14.91 21.56
N GLU B 134 16.16 13.66 21.55
CA GLU B 134 17.45 13.44 20.96
C GLU B 134 17.34 12.33 19.90
N SER B 135 17.67 12.66 18.65
CA SER B 135 17.74 11.57 17.66
C SER B 135 18.91 10.66 17.97
N VAL B 136 18.67 9.34 18.08
CA VAL B 136 19.72 8.37 18.25
C VAL B 136 19.78 7.44 17.01
N PHE B 137 18.92 7.70 16.04
CA PHE B 137 18.99 6.91 14.77
C PHE B 137 18.22 7.61 13.74
N SER B 138 18.84 7.74 12.59
CA SER B 138 18.04 8.15 11.44
C SER B 138 18.50 7.46 10.15
N GLU B 139 17.53 7.28 9.24
CA GLU B 139 17.80 6.54 8.04
C GLU B 139 16.85 6.94 6.95
N PHE B 140 17.43 7.59 5.89
CA PHE B 140 16.58 8.18 4.83
C PHE B 140 16.48 7.27 3.61
N HIS B 141 15.26 7.10 3.04
CA HIS B 141 15.11 6.29 1.83
C HIS B 141 14.27 7.03 0.81
N ASP B 142 14.61 6.91 -0.48
CA ASP B 142 13.76 7.49 -1.51
C ASP B 142 12.55 6.53 -1.78
N ALA B 143 11.50 7.09 -2.39
CA ALA B 143 10.49 6.21 -3.00
C ALA B 143 11.20 5.21 -3.92
N ASP B 144 10.58 4.06 -4.12
CA ASP B 144 11.19 3.06 -5.08
C ASP B 144 10.07 2.23 -5.68
N ALA B 145 10.39 1.11 -6.34
CA ALA B 145 9.41 0.40 -7.10
C ALA B 145 8.29 -0.10 -6.21
N GLN B 146 8.58 -0.33 -4.94
CA GLN B 146 7.58 -0.82 -4.03
C GLN B 146 7.08 0.19 -3.00
N ASN B 147 7.73 1.37 -2.91
CA ASN B 147 7.36 2.31 -1.87
C ASN B 147 7.07 3.65 -2.51
N SER B 148 5.91 4.20 -2.22
CA SER B 148 5.42 5.34 -3.05
C SER B 148 6.00 6.71 -2.76
N HIS B 149 6.61 6.85 -1.57
CA HIS B 149 7.13 8.15 -1.11
C HIS B 149 8.44 7.96 -0.38
N SER B 150 9.24 9.03 -0.29
CA SER B 150 10.48 8.96 0.50
C SER B 150 10.05 8.90 1.99
N TYR B 151 10.94 8.36 2.82
CA TYR B 151 10.60 8.07 4.23
C TYR B 151 11.89 8.10 4.98
N CYS B 152 11.85 8.63 6.20
CA CYS B 152 13.06 8.76 7.01
C CYS B 152 12.69 8.06 8.30
N PHE B 153 13.42 7.02 8.69
CA PHE B 153 13.13 6.39 9.99
C PHE B 153 13.91 7.15 11.03
N GLU B 154 13.28 7.44 12.18
CA GLU B 154 14.04 8.10 13.26
C GLU B 154 13.65 7.51 14.57
N ILE B 155 14.61 7.33 15.48
CA ILE B 155 14.32 7.06 16.89
C ILE B 155 14.80 8.24 17.75
N LEU B 156 13.91 8.75 18.57
CA LEU B 156 14.22 9.93 19.41
C LEU B 156 14.05 9.46 20.86
N GLU B 157 14.97 9.89 21.71
CA GLU B 157 14.93 9.59 23.15
C GLU B 157 14.73 10.91 23.90
N ARG B 158 13.88 10.90 24.93
CA ARG B 158 13.50 12.16 25.57
C ARG B 158 14.72 12.60 26.36
N ARG B 159 15.08 13.90 26.26
CA ARG B 159 16.31 14.43 26.95
C ARG B 159 16.05 14.68 28.42
#